data_2FU5
#
_entry.id   2FU5
#
_cell.length_a   40.920
_cell.length_b   49.850
_cell.length_c   83.480
_cell.angle_alpha   102.88
_cell.angle_beta   97.46
_cell.angle_gamma   90.12
#
_symmetry.space_group_name_H-M   'P 1'
#
loop_
_entity.id
_entity.type
_entity.pdbx_description
1 polymer 'Guanine nucleotide exchange factor MSS4'
2 polymer 'Ras-related protein Rab-8A'
3 non-polymer 'ZINC ION'
4 non-polymer BETA-MERCAPTOETHANOL
5 water water
#
loop_
_entity_poly.entity_id
_entity_poly.type
_entity_poly.pdbx_seq_one_letter_code
_entity_poly.pdbx_strand_id
1 'polypeptide(L)'
;QGHMVSAEGRNRKAVLCQRCGSRVLQPGTALFSRRQLFLPSMRKKPALSDGSNPDGDLLQEHWLVEDMFIFENVGFTKDV
GNIKFLVCADCEIGPIGWHCLDDKNSFYVALERVSHE
;
A,B
2 'polypeptide(L)'
;MAKTYDYLFKLLLIGDSGVGKTCVLFRFSEDAFNSTFISTIGIDFKIRTIELDGKRIKLQIWDTAGQERFRTITTAYYRG
AMGIMLVYDITNEKSFDNIRNWIRNIEEHASADVEKMILGNKCDVNDKRQVSKERGEKLALDYGIKFMETSAKANINVEN
AFFTLARDIKAKMDKNWKATAAG
;
C,D
#
loop_
_chem_comp.id
_chem_comp.type
_chem_comp.name
_chem_comp.formula
BME non-polymer BETA-MERCAPTOETHANOL 'C2 H6 O S'
ZN non-polymer 'ZINC ION' 'Zn 2'
#
# COMPACT_ATOMS: atom_id res chain seq x y z
N GLN A 1 10.28 -13.63 4.85
CA GLN A 1 10.83 -15.01 4.63
C GLN A 1 11.62 -15.45 5.86
N GLY A 2 11.05 -16.38 6.65
CA GLY A 2 11.74 -16.94 7.83
C GLY A 2 11.10 -16.50 9.13
N HIS A 3 11.80 -15.66 9.87
CA HIS A 3 11.20 -14.94 11.02
C HIS A 3 11.02 -13.47 10.62
N MET A 4 10.46 -13.27 9.43
CA MET A 4 10.23 -11.92 8.90
C MET A 4 8.75 -11.50 8.86
N VAL A 5 7.86 -12.41 8.49
CA VAL A 5 6.44 -12.13 8.36
C VAL A 5 5.63 -13.05 9.27
N SER A 6 4.79 -12.49 10.13
CA SER A 6 3.98 -13.33 11.02
C SER A 6 2.90 -14.08 10.22
N ALA A 7 2.18 -14.96 10.90
CA ALA A 7 1.05 -15.70 10.30
C ALA A 7 -0.05 -14.75 9.84
N GLU A 8 -0.18 -13.62 10.52
CA GLU A 8 -1.14 -12.60 10.16
C GLU A 8 -0.62 -11.71 9.02
N GLY A 9 0.59 -11.99 8.54
CA GLY A 9 1.21 -11.20 7.48
C GLY A 9 1.92 -9.90 7.93
N ARG A 10 2.15 -9.74 9.23
CA ARG A 10 2.80 -8.54 9.78
C ARG A 10 4.31 -8.64 9.89
N ASN A 11 4.99 -7.48 9.98
CA ASN A 11 6.44 -7.46 10.20
C ASN A 11 6.80 -7.86 11.63
N ARG A 12 7.56 -8.94 11.75
CA ARG A 12 7.99 -9.47 13.06
C ARG A 12 9.09 -8.60 13.58
N LYS A 13 9.86 -7.99 12.68
CA LYS A 13 11.04 -7.21 13.11
C LYS A 13 10.81 -5.72 12.95
N ALA A 14 11.50 -4.91 13.76
CA ALA A 14 11.59 -3.47 13.55
C ALA A 14 12.24 -3.17 12.19
N VAL A 15 11.87 -2.05 11.58
CA VAL A 15 12.41 -1.62 10.30
C VAL A 15 13.28 -0.40 10.56
N LEU A 16 14.52 -0.46 10.07
CA LEU A 16 15.52 0.57 10.30
C LEU A 16 16.11 1.12 9.03
N CYS A 17 16.54 2.38 9.07
CA CYS A 17 17.47 2.86 8.08
C CYS A 17 18.76 1.99 8.00
N GLN A 18 19.10 1.52 6.78
CA GLN A 18 20.35 0.75 6.56
C GLN A 18 21.62 1.58 6.80
N ARG A 19 21.51 2.88 6.53
CA ARG A 19 22.67 3.77 6.58
C ARG A 19 22.93 4.29 7.99
N CYS A 20 21.88 4.58 8.75
CA CYS A 20 22.11 5.18 10.08
C CYS A 20 21.40 4.46 11.24
N GLY A 21 20.58 3.46 10.93
CA GLY A 21 19.83 2.74 11.96
C GLY A 21 18.62 3.44 12.62
N SER A 22 18.18 4.57 12.08
CA SER A 22 16.97 5.24 12.55
C SER A 22 15.82 4.23 12.51
N ARG A 23 14.99 4.20 13.55
CA ARG A 23 13.87 3.27 13.60
C ARG A 23 12.64 3.83 12.84
N VAL A 24 12.31 3.17 11.75
CA VAL A 24 11.22 3.63 10.83
C VAL A 24 9.89 3.07 11.30
N LEU A 25 9.88 1.79 11.65
CA LEU A 25 8.67 1.15 12.09
C LEU A 25 8.97 0.19 13.24
N GLN A 26 8.10 0.22 14.27
CA GLN A 26 8.07 -0.83 15.27
C GLN A 26 7.55 -2.16 14.72
N PRO A 27 7.90 -3.30 15.38
CA PRO A 27 7.31 -4.59 14.98
C PRO A 27 5.79 -4.59 15.02
N GLY A 28 5.18 -5.37 14.13
CA GLY A 28 3.72 -5.55 14.08
C GLY A 28 2.92 -4.35 13.60
N THR A 29 3.53 -3.46 12.82
CA THR A 29 2.83 -2.24 12.44
C THR A 29 2.46 -2.16 10.97
N ALA A 30 2.82 -3.19 10.20
CA ALA A 30 2.74 -3.13 8.76
C ALA A 30 2.42 -4.51 8.25
N LEU A 31 1.90 -4.57 7.02
CA LEU A 31 1.57 -5.82 6.33
C LEU A 31 2.49 -6.03 5.16
N PHE A 32 2.86 -7.27 4.89
CA PHE A 32 3.73 -7.59 3.78
C PHE A 32 2.98 -7.48 2.49
N SER A 33 3.64 -6.89 1.50
CA SER A 33 3.01 -6.56 0.23
C SER A 33 3.95 -6.84 -0.94
N ARG A 34 3.43 -7.45 -2.00
CA ARG A 34 4.22 -7.70 -3.19
C ARG A 34 3.83 -6.84 -4.40
N ARG A 35 3.17 -5.70 -4.15
CA ARG A 35 2.81 -4.76 -5.20
C ARG A 35 4.07 -4.21 -5.86
N GLN A 36 4.03 -4.08 -7.18
CA GLN A 36 5.16 -3.57 -7.93
C GLN A 36 5.11 -2.05 -7.95
N LEU A 37 6.20 -1.43 -7.54
CA LEU A 37 6.30 0.02 -7.43
C LEU A 37 7.70 0.43 -7.90
N PHE A 38 7.79 1.52 -8.64
CA PHE A 38 9.06 2.13 -9.06
C PHE A 38 9.62 3.12 -8.04
N LEU A 39 10.82 2.82 -7.56
CA LEU A 39 11.55 3.66 -6.63
C LEU A 39 12.85 4.13 -7.30
N PRO A 40 12.96 5.44 -7.51
CA PRO A 40 14.21 6.04 -7.93
C PRO A 40 15.37 5.59 -7.04
N SER A 41 16.53 5.45 -7.64
CA SER A 41 17.75 5.12 -6.91
C SER A 41 18.07 6.03 -5.73
N MET A 42 18.64 5.46 -4.67
CA MET A 42 19.07 6.31 -3.55
C MET A 42 20.39 7.07 -3.82
N ARG A 43 20.76 7.28 -5.10
CA ARG A 43 22.09 7.86 -5.49
C ARG A 43 22.22 8.24 -6.98
N LYS A 44 23.05 9.25 -7.27
CA LYS A 44 23.31 9.73 -8.65
C LYS A 44 22.08 10.35 -9.32
N ASP A 55 15.99 6.59 -13.47
CA ASP A 55 16.97 5.70 -12.84
C ASP A 55 16.52 5.18 -11.47
N GLY A 56 16.27 3.87 -11.38
CA GLY A 56 15.74 3.23 -10.19
C GLY A 56 15.29 1.81 -10.45
N ASP A 57 14.57 1.23 -9.49
CA ASP A 57 14.27 -0.17 -9.49
C ASP A 57 12.76 -0.35 -9.38
N LEU A 58 12.26 -1.34 -10.11
CA LEU A 58 10.92 -1.85 -9.90
C LEU A 58 11.00 -2.87 -8.77
N LEU A 59 10.43 -2.50 -7.63
CA LEU A 59 10.52 -3.34 -6.42
C LEU A 59 9.18 -3.98 -6.10
N GLN A 60 9.17 -5.22 -5.64
CA GLN A 60 7.90 -5.89 -5.28
C GLN A 60 7.87 -6.66 -3.94
N GLU A 61 8.57 -6.12 -2.95
CA GLU A 61 8.45 -6.55 -1.55
C GLU A 61 8.39 -5.28 -0.73
N HIS A 62 7.28 -5.04 -0.03
CA HIS A 62 7.11 -3.81 0.72
C HIS A 62 6.44 -4.09 2.03
N TRP A 63 6.65 -3.18 2.99
CA TRP A 63 5.76 -3.10 4.13
C TRP A 63 4.66 -2.07 3.85
N LEU A 64 3.42 -2.52 3.95
CA LEU A 64 2.24 -1.64 3.79
C LEU A 64 1.74 -1.12 5.14
N VAL A 65 1.73 0.19 5.28
CA VAL A 65 1.42 0.88 6.53
C VAL A 65 0.16 1.71 6.25
N GLU A 66 -0.78 1.71 7.17
CA GLU A 66 -2.11 2.30 6.84
C GLU A 66 -2.38 3.76 7.27
N ASP A 67 -1.43 4.37 7.94
CA ASP A 67 -1.57 5.74 8.39
C ASP A 67 -0.18 6.29 8.57
N MET A 68 0.07 7.53 8.11
CA MET A 68 1.41 8.12 8.26
C MET A 68 1.87 8.16 9.69
N PHE A 69 0.92 8.31 10.62
CA PHE A 69 1.30 8.40 12.06
C PHE A 69 1.65 7.09 12.76
N ILE A 70 1.54 5.98 12.04
CA ILE A 70 2.03 4.68 12.51
C ILE A 70 3.58 4.62 12.41
N PHE A 71 4.15 5.28 11.41
CA PHE A 71 5.62 5.37 11.30
C PHE A 71 6.20 5.89 12.60
N GLU A 72 7.29 5.26 13.05
CA GLU A 72 7.99 5.72 14.22
C GLU A 72 8.79 6.99 13.92
N ASN A 73 9.60 6.95 12.87
CA ASN A 73 10.38 8.11 12.43
C ASN A 73 10.51 7.97 10.92
N VAL A 74 10.09 8.98 10.18
CA VAL A 74 10.24 8.93 8.71
C VAL A 74 10.14 10.30 8.12
N GLY A 75 10.72 10.52 6.94
CA GLY A 75 10.54 11.78 6.26
C GLY A 75 9.68 11.63 5.03
N PHE A 76 8.94 12.69 4.69
CA PHE A 76 8.23 12.77 3.43
C PHE A 76 8.80 13.85 2.51
N THR A 77 9.09 13.50 1.26
CA THR A 77 9.49 14.50 0.28
C THR A 77 8.30 15.40 -0.06
N LYS A 78 8.62 16.58 -0.61
CA LYS A 78 7.61 17.37 -1.30
C LYS A 78 6.96 16.52 -2.41
N ASP A 79 5.78 16.93 -2.86
CA ASP A 79 5.02 16.16 -3.85
C ASP A 79 5.82 16.14 -5.12
N VAL A 80 5.81 15.00 -5.77
CA VAL A 80 6.28 14.84 -7.12
C VAL A 80 5.05 14.34 -7.90
N GLY A 81 4.34 15.25 -8.58
CA GLY A 81 2.99 14.97 -9.07
C GLY A 81 2.15 14.63 -7.86
N ASN A 82 1.46 13.48 -7.86
CA ASN A 82 0.72 13.11 -6.63
C ASN A 82 1.43 12.07 -5.73
N ILE A 83 2.73 11.89 -5.96
CA ILE A 83 3.55 10.98 -5.16
C ILE A 83 4.38 11.73 -4.13
N LYS A 84 4.51 11.14 -2.94
CA LYS A 84 5.49 11.55 -1.97
C LYS A 84 6.36 10.35 -1.67
N PHE A 85 7.67 10.54 -1.74
CA PHE A 85 8.64 9.47 -1.40
C PHE A 85 8.96 9.56 0.08
N LEU A 86 9.29 8.40 0.67
CA LEU A 86 9.66 8.33 2.06
C LEU A 86 11.18 8.26 2.10
N VAL A 87 11.78 8.95 3.07
CA VAL A 87 13.23 8.90 3.34
C VAL A 87 13.47 8.75 4.85
N CYS A 88 14.70 8.44 5.21
CA CYS A 88 15.07 8.35 6.62
C CYS A 88 14.87 9.72 7.27
N ALA A 89 14.19 9.80 8.41
CA ALA A 89 14.08 11.10 9.10
C ALA A 89 15.44 11.70 9.53
N ASP A 90 16.42 10.84 9.83
CA ASP A 90 17.68 11.34 10.43
C ASP A 90 18.72 11.67 9.41
N CYS A 91 18.99 10.74 8.50
CA CYS A 91 20.02 10.99 7.52
C CYS A 91 19.47 11.36 6.15
N GLU A 92 18.14 11.28 5.97
CA GLU A 92 17.49 11.71 4.71
C GLU A 92 17.87 10.94 3.46
N ILE A 93 18.48 9.78 3.64
CA ILE A 93 18.79 8.95 2.50
C ILE A 93 17.47 8.27 2.04
N GLY A 94 17.27 8.15 0.73
CA GLY A 94 16.03 7.61 0.22
C GLY A 94 16.05 7.76 -1.27
N PRO A 95 14.95 7.40 -1.95
CA PRO A 95 13.65 6.87 -1.40
C PRO A 95 13.77 5.50 -0.75
N ILE A 96 13.26 5.37 0.48
CA ILE A 96 13.10 4.03 1.07
C ILE A 96 11.65 3.59 0.90
N GLY A 97 10.76 4.51 0.50
CA GLY A 97 9.33 4.12 0.36
C GLY A 97 8.55 5.06 -0.54
N TRP A 98 7.23 4.89 -0.53
CA TRP A 98 6.42 5.45 -1.62
C TRP A 98 5.01 5.61 -1.12
N HIS A 99 4.37 6.72 -1.52
CA HIS A 99 2.99 6.99 -1.18
C HIS A 99 2.33 7.73 -2.33
N CYS A 100 1.10 7.33 -2.66
CA CYS A 100 0.29 8.06 -3.63
C CYS A 100 -0.78 8.76 -2.83
N LEU A 101 -0.84 10.08 -2.98
CA LEU A 101 -1.76 10.91 -2.19
C LEU A 101 -3.24 10.57 -2.40
N ASP A 102 -3.58 10.00 -3.54
CA ASP A 102 -4.99 9.62 -3.81
C ASP A 102 -5.44 8.48 -2.92
N ASP A 103 -4.48 7.72 -2.39
CA ASP A 103 -4.78 6.62 -1.49
C ASP A 103 -4.30 6.97 -0.09
N LYS A 104 -5.17 7.62 0.69
CA LYS A 104 -4.76 8.22 1.98
C LYS A 104 -4.24 7.23 3.03
N ASN A 105 -4.62 5.98 2.89
CA ASN A 105 -4.31 4.99 3.91
C ASN A 105 -3.33 3.88 3.45
N SER A 106 -2.42 4.21 2.52
CA SER A 106 -1.48 3.21 1.98
C SER A 106 -0.09 3.86 1.78
N PHE A 107 0.88 3.40 2.56
CA PHE A 107 2.27 3.92 2.52
C PHE A 107 3.12 2.66 2.44
N TYR A 108 4.08 2.62 1.53
CA TYR A 108 4.87 1.41 1.28
C TYR A 108 6.34 1.66 1.63
N VAL A 109 6.95 0.79 2.45
CA VAL A 109 8.41 0.87 2.69
C VAL A 109 9.00 -0.34 1.94
N ALA A 110 9.92 -0.11 1.01
CA ALA A 110 10.50 -1.25 0.29
C ALA A 110 11.54 -1.97 1.14
N LEU A 111 11.41 -3.30 1.26
CA LEU A 111 12.32 -4.08 2.12
C LEU A 111 13.79 -3.97 1.65
N GLU A 112 14.01 -3.91 0.34
CA GLU A 112 15.42 -3.79 -0.22
C GLU A 112 16.11 -2.50 0.22
N ARG A 113 15.33 -1.53 0.65
CA ARG A 113 15.85 -0.21 0.85
C ARG A 113 16.03 0.05 2.34
N VAL A 114 15.71 -0.94 3.17
CA VAL A 114 15.81 -0.81 4.64
C VAL A 114 16.46 -2.04 5.29
N SER A 115 16.61 -1.98 6.61
CA SER A 115 17.15 -3.10 7.39
C SER A 115 16.13 -3.52 8.44
N HIS A 116 16.36 -4.70 9.04
CA HIS A 116 15.40 -5.31 9.97
C HIS A 116 16.12 -5.81 11.24
N GLU A 117 15.63 -5.39 12.41
CA GLU A 117 16.29 -5.77 13.66
C GLU A 117 15.30 -6.43 14.60
N GLN B 1 -12.75 13.50 -6.65
CA GLN B 1 -11.84 14.10 -5.63
C GLN B 1 -10.50 14.47 -6.27
N GLY B 2 -10.59 15.28 -7.33
CA GLY B 2 -9.41 15.85 -8.00
C GLY B 2 -9.07 15.17 -9.30
N HIS B 3 -8.10 14.27 -9.25
CA HIS B 3 -7.75 13.45 -10.41
C HIS B 3 -8.30 12.03 -10.24
N MET B 4 -9.43 11.91 -9.53
CA MET B 4 -10.05 10.60 -9.22
C MET B 4 -11.40 10.33 -9.87
N VAL B 5 -12.27 11.33 -9.91
CA VAL B 5 -13.65 11.18 -10.44
C VAL B 5 -13.86 12.16 -11.61
N SER B 6 -14.19 11.63 -12.78
CA SER B 6 -14.44 12.50 -13.94
C SER B 6 -15.73 13.33 -13.76
N ALA B 7 -15.95 14.30 -14.68
CA ALA B 7 -17.20 15.09 -14.67
C ALA B 7 -18.46 14.23 -14.73
N GLU B 8 -18.35 13.09 -15.42
CA GLU B 8 -19.42 12.09 -15.54
C GLU B 8 -19.54 11.18 -14.30
N GLY B 9 -18.65 11.36 -13.33
CA GLY B 9 -18.56 10.51 -12.16
C GLY B 9 -17.85 9.17 -12.28
N ARG B 10 -17.12 8.93 -13.37
CA ARG B 10 -16.43 7.66 -13.58
C ARG B 10 -15.03 7.66 -12.94
N ASN B 11 -14.48 6.46 -12.71
CA ASN B 11 -13.13 6.37 -12.11
C ASN B 11 -12.06 6.81 -13.13
N ARG B 12 -11.32 7.88 -12.82
CA ARG B 12 -10.20 8.31 -13.71
C ARG B 12 -9.02 7.33 -13.78
N LYS B 13 -8.71 6.70 -12.65
CA LYS B 13 -7.56 5.82 -12.50
C LYS B 13 -7.97 4.35 -12.50
N ALA B 14 -7.03 3.45 -12.83
CA ALA B 14 -7.20 2.03 -12.64
C ALA B 14 -7.31 1.68 -11.16
N VAL B 15 -8.08 0.64 -10.82
CA VAL B 15 -8.24 0.20 -9.45
C VAL B 15 -7.45 -1.07 -9.25
N LEU B 16 -6.60 -1.07 -8.23
CA LEU B 16 -5.72 -2.18 -8.01
C LEU B 16 -5.79 -2.68 -6.57
N CYS B 17 -5.46 -3.98 -6.43
CA CYS B 17 -5.17 -4.45 -5.08
C CYS B 17 -4.02 -3.71 -4.37
N GLN B 18 -4.28 -3.27 -3.13
CA GLN B 18 -3.25 -2.58 -2.34
C GLN B 18 -2.07 -3.48 -1.97
N ARG B 19 -2.39 -4.75 -1.76
CA ARG B 19 -1.44 -5.73 -1.28
C ARG B 19 -0.54 -6.30 -2.37
N CYS B 20 -1.09 -6.59 -3.56
CA CYS B 20 -0.30 -7.21 -4.61
C CYS B 20 -0.28 -6.49 -5.97
N GLY B 21 -1.06 -5.42 -6.10
CA GLY B 21 -1.10 -4.70 -7.39
C GLY B 21 -2.01 -5.27 -8.48
N SER B 22 -2.71 -6.39 -8.22
CA SER B 22 -3.65 -6.95 -9.21
C SER B 22 -4.59 -5.87 -9.77
N ARG B 23 -4.85 -5.90 -11.08
CA ARG B 23 -5.68 -4.88 -11.71
C ARG B 23 -7.13 -5.32 -11.62
N VAL B 24 -7.92 -4.58 -10.82
CA VAL B 24 -9.34 -4.93 -10.50
C VAL B 24 -10.26 -4.29 -11.52
N LEU B 25 -9.99 -3.05 -11.90
CA LEU B 25 -10.79 -2.31 -12.87
C LEU B 25 -9.92 -1.41 -13.69
N GLN B 26 -10.18 -1.37 -15.01
CA GLN B 26 -9.65 -0.34 -15.89
C GLN B 26 -10.27 1.05 -15.60
N PRO B 27 -9.60 2.15 -16.01
CA PRO B 27 -10.23 3.47 -15.91
C PRO B 27 -11.54 3.53 -16.67
N GLY B 28 -12.47 4.35 -16.18
CA GLY B 28 -13.73 4.66 -16.88
C GLY B 28 -14.77 3.55 -16.85
N THR B 29 -14.59 2.56 -15.97
CA THR B 29 -15.49 1.42 -15.96
C THR B 29 -16.47 1.44 -14.79
N ALA B 30 -16.42 2.46 -13.94
CA ALA B 30 -17.25 2.44 -12.73
C ALA B 30 -17.69 3.85 -12.37
N LEU B 31 -18.74 3.95 -11.57
CA LEU B 31 -19.34 5.22 -11.14
C LEU B 31 -19.10 5.36 -9.66
N PHE B 32 -18.81 6.57 -9.19
CA PHE B 32 -18.58 6.85 -7.76
C PHE B 32 -19.90 6.83 -6.99
N SER B 33 -19.87 6.19 -5.82
CA SER B 33 -21.05 5.93 -5.04
C SER B 33 -20.74 6.24 -3.58
N ARG B 34 -21.62 6.92 -2.90
CA ARG B 34 -21.48 7.15 -1.47
C ARG B 34 -22.42 6.32 -0.63
N ARG B 35 -22.88 5.19 -1.15
CA ARG B 35 -23.83 4.34 -0.44
C ARG B 35 -23.12 3.72 0.79
N GLN B 36 -23.83 3.63 1.90
CA GLN B 36 -23.19 3.08 3.07
C GLN B 36 -23.33 1.57 3.09
N LEU B 37 -22.18 0.89 3.21
CA LEU B 37 -22.15 -0.57 3.15
C LEU B 37 -21.23 -1.09 4.25
N PHE B 38 -21.60 -2.17 4.93
CA PHE B 38 -20.73 -2.79 5.92
C PHE B 38 -19.80 -3.87 5.32
N LEU B 39 -18.50 -3.61 5.41
CA LEU B 39 -17.48 -4.55 4.97
C LEU B 39 -16.70 -5.10 6.18
N PRO B 40 -16.78 -6.41 6.40
CA PRO B 40 -15.95 -7.04 7.41
C PRO B 40 -14.47 -6.69 7.20
N SER B 41 -13.73 -6.64 8.30
CA SER B 41 -12.32 -6.29 8.27
C SER B 41 -11.51 -7.21 7.38
N MET B 42 -10.40 -6.68 6.84
CA MET B 42 -9.49 -7.50 6.04
C MET B 42 -8.54 -8.27 6.99
N ARG B 43 -8.49 -7.87 8.27
CA ARG B 43 -7.73 -8.59 9.33
C ARG B 43 -8.61 -9.07 10.49
N LYS B 44 -8.15 -10.09 11.23
CA LYS B 44 -8.83 -10.50 12.48
C LYS B 44 -8.41 -9.59 13.64
N ASP B 55 -15.00 -6.07 14.07
CA ASP B 55 -15.34 -7.02 13.00
C ASP B 55 -15.44 -6.40 11.61
N GLY B 56 -15.61 -5.08 11.53
CA GLY B 56 -15.57 -4.40 10.23
C GLY B 56 -15.87 -2.93 10.18
N ASP B 57 -16.04 -2.43 8.96
CA ASP B 57 -16.19 -1.01 8.75
C ASP B 57 -17.46 -0.69 7.97
N LEU B 58 -18.11 0.40 8.37
CA LEU B 58 -19.17 1.01 7.59
C LEU B 58 -18.54 2.00 6.62
N LEU B 59 -18.58 1.68 5.32
CA LEU B 59 -17.84 2.49 4.34
C LEU B 59 -18.79 3.19 3.37
N GLN B 60 -18.43 4.40 2.93
CA GLN B 60 -19.31 5.27 2.13
C GLN B 60 -18.62 5.88 0.92
N GLU B 61 -17.63 5.19 0.36
CA GLU B 61 -17.00 5.58 -0.87
C GLU B 61 -16.76 4.29 -1.66
N HIS B 62 -17.37 4.16 -2.84
CA HIS B 62 -17.25 2.93 -3.55
C HIS B 62 -17.20 3.24 -5.03
N TRP B 63 -16.61 2.33 -5.82
CA TRP B 63 -16.86 2.28 -7.24
C TRP B 63 -18.04 1.31 -7.50
N LEU B 64 -19.04 1.78 -8.25
CA LEU B 64 -20.21 0.98 -8.61
C LEU B 64 -20.02 0.45 -10.04
N VAL B 65 -20.03 -0.87 -10.15
CA VAL B 65 -19.78 -1.59 -11.41
C VAL B 65 -21.11 -2.25 -11.76
N GLU B 66 -21.50 -2.18 -13.03
CA GLU B 66 -22.88 -2.57 -13.41
C GLU B 66 -22.99 -4.03 -13.90
N ASP B 67 -21.84 -4.69 -14.08
CA ASP B 67 -21.81 -6.07 -14.51
C ASP B 67 -20.50 -6.78 -14.09
N MET B 68 -20.61 -8.03 -13.61
CA MET B 68 -19.42 -8.75 -13.16
C MET B 68 -18.32 -8.90 -14.22
N PHE B 69 -18.68 -8.96 -15.50
CA PHE B 69 -17.64 -9.12 -16.52
C PHE B 69 -16.94 -7.82 -16.90
N ILE B 70 -17.38 -6.70 -16.33
CA ILE B 70 -16.65 -5.42 -16.48
C ILE B 70 -15.35 -5.44 -15.68
N PHE B 71 -15.35 -6.20 -14.59
CA PHE B 71 -14.13 -6.42 -13.80
C PHE B 71 -12.99 -6.98 -14.62
N GLU B 72 -11.83 -6.40 -14.41
CA GLU B 72 -10.62 -6.89 -15.02
C GLU B 72 -10.15 -8.20 -14.42
N ASN B 73 -9.94 -8.23 -13.10
CA ASN B 73 -9.62 -9.46 -12.39
C ASN B 73 -10.23 -9.33 -11.01
N VAL B 74 -10.99 -10.31 -10.53
CA VAL B 74 -11.59 -10.22 -9.18
C VAL B 74 -12.07 -11.59 -8.73
N GLY B 75 -12.04 -11.83 -7.43
CA GLY B 75 -12.65 -12.99 -6.84
C GLY B 75 -13.98 -12.68 -6.19
N PHE B 76 -14.89 -13.66 -6.30
CA PHE B 76 -16.18 -13.70 -5.62
C PHE B 76 -16.19 -14.81 -4.57
N THR B 77 -16.54 -14.45 -3.35
CA THR B 77 -16.71 -15.43 -2.28
C THR B 77 -17.97 -16.25 -2.50
N LYS B 78 -18.04 -17.41 -1.85
CA LYS B 78 -19.30 -18.13 -1.74
C LYS B 78 -20.35 -17.22 -1.13
N ASP B 79 -21.62 -17.54 -1.31
CA ASP B 79 -22.70 -16.75 -0.70
C ASP B 79 -22.59 -16.70 0.82
N VAL B 80 -22.93 -15.53 1.37
CA VAL B 80 -23.09 -15.36 2.80
C VAL B 80 -24.51 -14.77 2.86
N GLY B 81 -25.51 -15.63 3.09
CA GLY B 81 -26.88 -15.25 2.77
C GLY B 81 -27.01 -14.93 1.31
N ASN B 82 -27.53 -13.75 0.99
CA ASN B 82 -27.60 -13.32 -0.42
C ASN B 82 -26.51 -12.32 -0.81
N ILE B 83 -25.43 -12.31 -0.02
CA ILE B 83 -24.29 -11.41 -0.26
C ILE B 83 -23.12 -12.23 -0.79
N LYS B 84 -22.42 -11.67 -1.78
CA LYS B 84 -21.12 -12.17 -2.16
C LYS B 84 -20.10 -11.04 -1.95
N PHE B 85 -18.98 -11.32 -1.26
CA PHE B 85 -17.92 -10.30 -1.10
C PHE B 85 -16.94 -10.45 -2.23
N LEU B 86 -16.27 -9.34 -2.56
CA LEU B 86 -15.25 -9.34 -3.60
C LEU B 86 -13.87 -9.37 -2.94
N VAL B 87 -12.94 -10.10 -3.53
CA VAL B 87 -11.57 -10.20 -3.01
C VAL B 87 -10.60 -10.05 -4.18
N CYS B 88 -9.33 -9.87 -3.89
CA CYS B 88 -8.35 -9.84 -4.96
C CYS B 88 -8.26 -11.24 -5.64
N ALA B 89 -8.32 -11.29 -6.99
CA ALA B 89 -8.18 -12.56 -7.70
C ALA B 89 -6.83 -13.24 -7.45
N ASP B 90 -5.78 -12.46 -7.17
CA ASP B 90 -4.42 -13.02 -7.09
C ASP B 90 -4.06 -13.46 -5.69
N CYS B 91 -4.11 -12.53 -4.75
CA CYS B 91 -3.69 -12.80 -3.38
C CYS B 91 -4.86 -13.09 -2.43
N GLU B 92 -6.10 -12.91 -2.91
CA GLU B 92 -7.31 -13.26 -2.19
C GLU B 92 -7.54 -12.46 -0.91
N ILE B 93 -6.86 -11.31 -0.78
CA ILE B 93 -7.10 -10.38 0.35
C ILE B 93 -8.46 -9.70 0.12
N GLY B 94 -9.19 -9.51 1.22
CA GLY B 94 -10.52 -8.92 1.17
C GLY B 94 -11.24 -9.06 2.48
N PRO B 95 -12.52 -8.65 2.51
CA PRO B 95 -13.28 -8.08 1.35
C PRO B 95 -12.76 -6.74 0.84
N ILE B 96 -12.64 -6.62 -0.48
CA ILE B 96 -12.42 -5.31 -1.06
C ILE B 96 -13.73 -4.77 -1.61
N GLY B 97 -14.81 -5.56 -1.59
CA GLY B 97 -16.06 -5.04 -2.15
C GLY B 97 -17.21 -5.97 -1.81
N TRP B 98 -18.36 -5.72 -2.46
CA TRP B 98 -19.63 -6.14 -1.91
C TRP B 98 -20.66 -6.27 -3.00
N HIS B 99 -21.49 -7.32 -2.94
CA HIS B 99 -22.50 -7.50 -3.96
C HIS B 99 -23.68 -8.17 -3.27
N CYS B 100 -24.88 -7.64 -3.50
CA CYS B 100 -26.13 -8.33 -3.11
C CYS B 100 -26.72 -9.00 -4.32
N LEU B 101 -26.99 -10.32 -4.23
CA LEU B 101 -27.43 -11.09 -5.38
C LEU B 101 -28.80 -10.68 -5.95
N ASP B 102 -29.61 -10.03 -5.11
CA ASP B 102 -30.92 -9.49 -5.57
C ASP B 102 -30.80 -8.36 -6.57
N ASP B 103 -29.65 -7.71 -6.61
CA ASP B 103 -29.45 -6.59 -7.51
C ASP B 103 -28.40 -7.02 -8.50
N LYS B 104 -28.85 -7.63 -9.60
CA LYS B 104 -27.89 -8.26 -10.50
C LYS B 104 -26.87 -7.33 -11.18
N ASN B 105 -27.16 -6.04 -11.25
CA ASN B 105 -26.34 -5.07 -11.99
C ASN B 105 -25.62 -4.04 -11.09
N SER B 106 -25.31 -4.42 -9.83
CA SER B 106 -24.67 -3.51 -8.85
C SER B 106 -23.60 -4.25 -8.03
N PHE B 107 -22.34 -3.87 -8.25
CA PHE B 107 -21.21 -4.45 -7.50
C PHE B 107 -20.39 -3.22 -7.02
N TYR B 108 -19.90 -3.25 -5.78
CA TYR B 108 -19.34 -2.05 -5.16
C TYR B 108 -17.90 -2.39 -4.73
N VAL B 109 -16.93 -1.56 -5.05
CA VAL B 109 -15.55 -1.83 -4.60
C VAL B 109 -15.30 -0.64 -3.68
N ALA B 110 -14.98 -0.89 -2.43
CA ALA B 110 -14.68 0.19 -1.48
C ALA B 110 -13.31 0.82 -1.75
N LEU B 111 -13.31 2.12 -2.04
CA LEU B 111 -12.07 2.87 -2.33
C LEU B 111 -11.04 2.66 -1.21
N GLU B 112 -11.51 2.60 0.03
CA GLU B 112 -10.61 2.37 1.19
C GLU B 112 -9.86 1.02 1.16
N ARG B 113 -10.37 0.07 0.38
CA ARG B 113 -9.85 -1.26 0.42
C ARG B 113 -9.00 -1.58 -0.80
N VAL B 114 -8.78 -0.57 -1.65
CA VAL B 114 -8.03 -0.74 -2.89
C VAL B 114 -7.09 0.48 -3.09
N SER B 115 -6.34 0.44 -4.18
CA SER B 115 -5.38 1.46 -4.53
C SER B 115 -5.72 1.94 -5.93
N HIS B 116 -5.16 3.08 -6.34
CA HIS B 116 -5.49 3.71 -7.62
C HIS B 116 -4.22 4.17 -8.34
N GLU B 117 -4.10 3.80 -9.63
CA GLU B 117 -2.90 4.11 -10.41
C GLU B 117 -3.27 4.80 -11.70
N LYS C 3 -20.02 -4.43 -24.75
CA LYS C 3 -18.88 -5.33 -24.44
C LYS C 3 -17.60 -4.57 -24.13
N THR C 4 -17.03 -4.88 -22.97
CA THR C 4 -15.66 -4.50 -22.62
C THR C 4 -14.70 -5.65 -22.93
N TYR C 5 -15.17 -6.64 -23.70
CA TYR C 5 -14.38 -7.82 -24.11
C TYR C 5 -15.02 -8.50 -25.32
N ASP C 6 -14.27 -9.42 -25.93
CA ASP C 6 -14.70 -10.11 -27.16
C ASP C 6 -15.18 -11.54 -26.96
N TYR C 7 -14.62 -12.24 -25.97
CA TYR C 7 -15.04 -13.59 -25.62
C TYR C 7 -15.20 -13.74 -24.10
N LEU C 8 -16.12 -14.62 -23.68
CA LEU C 8 -16.21 -15.10 -22.31
C LEU C 8 -16.13 -16.63 -22.26
N PHE C 9 -15.09 -17.15 -21.63
CA PHE C 9 -14.98 -18.59 -21.41
C PHE C 9 -15.17 -18.98 -19.92
N LYS C 10 -16.02 -19.96 -19.69
CA LYS C 10 -16.17 -20.57 -18.37
C LYS C 10 -15.24 -21.78 -18.22
N LEU C 11 -14.40 -21.78 -17.19
CA LEU C 11 -13.38 -22.81 -17.01
C LEU C 11 -13.50 -23.43 -15.62
N LEU C 12 -13.17 -24.71 -15.54
CA LEU C 12 -13.10 -25.44 -14.28
C LEU C 12 -11.69 -25.96 -14.03
N LEU C 13 -11.24 -25.82 -12.79
CA LEU C 13 -9.98 -26.42 -12.36
C LEU C 13 -10.32 -27.55 -11.41
N ILE C 14 -9.74 -28.71 -11.71
CA ILE C 14 -10.00 -29.94 -10.98
C ILE C 14 -8.65 -30.55 -10.63
N GLY C 15 -8.52 -31.03 -9.40
CA GLY C 15 -7.22 -31.43 -8.84
C GLY C 15 -6.50 -30.31 -8.11
N ASP C 16 -5.47 -30.67 -7.34
CA ASP C 16 -4.72 -29.73 -6.52
C ASP C 16 -3.20 -29.92 -6.67
N SER C 17 -2.43 -29.11 -5.94
CA SER C 17 -0.97 -29.27 -5.76
C SER C 17 -0.47 -28.47 -4.54
N GLY C 18 0.83 -28.19 -4.47
CA GLY C 18 1.41 -27.41 -3.36
C GLY C 18 1.91 -26.02 -3.74
N VAL C 19 2.93 -25.56 -3.01
CA VAL C 19 3.59 -24.24 -3.22
C VAL C 19 3.78 -23.85 -4.68
N THR C 36 -7.78 -15.55 6.06
CA THR C 36 -8.48 -14.61 6.93
C THR C 36 -9.99 -14.86 6.91
N PHE C 37 -10.80 -13.81 7.06
CA PHE C 37 -12.26 -13.89 6.90
C PHE C 37 -12.59 -14.68 5.64
N ILE C 38 -11.74 -14.50 4.64
CA ILE C 38 -11.93 -15.05 3.30
C ILE C 38 -11.63 -16.55 3.22
N SER C 39 -10.66 -17.01 4.01
CA SER C 39 -10.43 -18.42 4.15
C SER C 39 -11.65 -19.11 4.78
N THR C 40 -12.30 -18.45 5.73
CA THR C 40 -13.52 -19.00 6.39
C THR C 40 -14.73 -19.10 5.44
N ILE C 41 -14.93 -18.09 4.60
CA ILE C 41 -16.04 -18.09 3.66
C ILE C 41 -15.80 -19.00 2.47
N GLY C 42 -14.62 -18.90 1.85
CA GLY C 42 -14.29 -19.65 0.66
C GLY C 42 -14.50 -18.84 -0.62
N ILE C 43 -13.69 -19.14 -1.64
CA ILE C 43 -13.85 -18.55 -2.98
C ILE C 43 -14.84 -19.38 -3.78
N ASP C 44 -15.78 -18.70 -4.42
CA ASP C 44 -16.70 -19.31 -5.41
C ASP C 44 -16.06 -19.38 -6.80
N PHE C 45 -15.81 -18.22 -7.41
CA PHE C 45 -15.13 -18.15 -8.69
C PHE C 45 -14.33 -16.85 -8.77
N LYS C 46 -13.49 -16.78 -9.79
CA LYS C 46 -12.71 -15.60 -10.15
C LYS C 46 -13.00 -15.22 -11.60
N ILE C 47 -12.95 -13.92 -11.88
CA ILE C 47 -12.95 -13.38 -13.22
C ILE C 47 -11.54 -12.87 -13.52
N ARG C 48 -11.02 -13.25 -14.69
CA ARG C 48 -9.69 -12.86 -15.12
C ARG C 48 -9.80 -12.39 -16.57
N THR C 49 -8.98 -11.41 -16.93
CA THR C 49 -8.93 -10.93 -18.30
C THR C 49 -7.53 -11.22 -18.87
N ILE C 50 -7.50 -11.83 -20.06
CA ILE C 50 -6.27 -12.03 -20.81
C ILE C 50 -6.51 -11.53 -22.24
N GLU C 51 -5.44 -11.35 -23.01
CA GLU C 51 -5.63 -11.05 -24.42
C GLU C 51 -4.90 -12.03 -25.34
N LEU C 52 -5.56 -12.42 -26.43
CA LEU C 52 -4.98 -13.34 -27.40
C LEU C 52 -5.22 -12.79 -28.78
N ASP C 53 -4.15 -12.63 -29.54
CA ASP C 53 -4.24 -12.15 -30.93
C ASP C 53 -5.02 -10.83 -30.97
N GLY C 54 -4.73 -9.95 -30.01
CA GLY C 54 -5.36 -8.63 -29.98
C GLY C 54 -6.78 -8.61 -29.44
N LYS C 55 -7.31 -9.79 -29.09
CA LYS C 55 -8.68 -9.94 -28.54
C LYS C 55 -8.69 -9.99 -27.01
N ARG C 56 -9.65 -9.31 -26.39
CA ARG C 56 -9.78 -9.37 -24.92
C ARG C 56 -10.62 -10.56 -24.48
N ILE C 57 -10.02 -11.45 -23.69
CA ILE C 57 -10.76 -12.64 -23.23
C ILE C 57 -11.08 -12.61 -21.75
N LYS C 58 -12.38 -12.71 -21.47
CA LYS C 58 -12.87 -12.83 -20.11
C LYS C 58 -12.95 -14.31 -19.73
N LEU C 59 -12.42 -14.66 -18.55
CA LEU C 59 -12.41 -16.04 -18.07
C LEU C 59 -13.13 -16.06 -16.73
N GLN C 60 -14.14 -16.91 -16.60
CA GLN C 60 -14.81 -17.18 -15.33
C GLN C 60 -14.35 -18.55 -14.86
N ILE C 61 -13.63 -18.57 -13.75
CA ILE C 61 -12.91 -19.75 -13.35
C ILE C 61 -13.38 -20.28 -11.99
N TRP C 62 -13.88 -21.51 -11.98
CA TRP C 62 -14.17 -22.23 -10.74
C TRP C 62 -13.04 -23.20 -10.40
N ASP C 63 -12.54 -23.13 -9.17
CA ASP C 63 -11.41 -23.95 -8.76
C ASP C 63 -11.87 -24.90 -7.66
N THR C 64 -11.84 -26.19 -7.97
CA THR C 64 -12.24 -27.23 -7.02
C THR C 64 -11.08 -27.64 -6.15
N THR C 74 -25.28 -34.16 -10.34
CA THR C 74 -23.89 -34.57 -10.49
C THR C 74 -23.14 -33.72 -11.52
N THR C 75 -23.88 -33.30 -12.55
CA THR C 75 -23.34 -32.39 -13.58
C THR C 75 -23.46 -30.93 -13.10
N ALA C 76 -22.92 -30.65 -11.91
CA ALA C 76 -23.10 -29.37 -11.20
C ALA C 76 -22.76 -28.13 -12.05
N TYR C 77 -21.53 -27.64 -11.96
CA TYR C 77 -21.05 -26.70 -12.97
C TYR C 77 -20.16 -27.35 -14.04
N TYR C 78 -20.31 -28.66 -14.22
CA TYR C 78 -19.95 -29.33 -15.48
C TYR C 78 -20.83 -28.71 -16.56
N ARG C 79 -22.11 -28.56 -16.24
CA ARG C 79 -23.03 -27.75 -17.01
C ARG C 79 -22.44 -26.35 -17.11
N GLY C 80 -22.26 -25.88 -18.34
CA GLY C 80 -21.73 -24.54 -18.58
C GLY C 80 -20.28 -24.51 -19.04
N ALA C 81 -19.42 -25.27 -18.37
CA ALA C 81 -17.96 -25.21 -18.58
C ALA C 81 -17.57 -25.39 -20.05
N MET C 82 -16.71 -24.51 -20.54
CA MET C 82 -16.14 -24.67 -21.88
C MET C 82 -14.72 -25.15 -21.91
N GLY C 83 -14.07 -25.20 -20.76
CA GLY C 83 -12.72 -25.74 -20.67
C GLY C 83 -12.47 -26.30 -19.29
N ILE C 84 -11.71 -27.38 -19.22
CA ILE C 84 -11.37 -28.01 -17.96
C ILE C 84 -9.87 -28.23 -17.88
N MET C 85 -9.27 -27.65 -16.85
CA MET C 85 -7.87 -27.87 -16.53
C MET C 85 -7.79 -28.94 -15.45
N LEU C 86 -7.15 -30.07 -15.78
CA LEU C 86 -6.96 -31.18 -14.84
C LEU C 86 -5.54 -31.17 -14.33
N VAL C 87 -5.39 -30.83 -13.05
CA VAL C 87 -4.08 -30.53 -12.49
C VAL C 87 -3.66 -31.61 -11.51
N TYR C 88 -2.35 -31.84 -11.42
CA TYR C 88 -1.76 -32.69 -10.39
C TYR C 88 -0.34 -32.21 -10.07
N ASP C 89 0.16 -32.62 -8.91
CA ASP C 89 1.52 -32.35 -8.44
C ASP C 89 2.40 -33.56 -8.77
N ILE C 90 3.47 -33.32 -9.55
CA ILE C 90 4.39 -34.39 -9.98
C ILE C 90 5.17 -34.99 -8.80
N THR C 91 5.14 -34.27 -7.69
CA THR C 91 5.80 -34.60 -6.45
C THR C 91 4.93 -35.57 -5.68
N ASN C 92 3.66 -35.64 -6.06
CA ASN C 92 2.76 -36.54 -5.39
C ASN C 92 1.97 -37.41 -6.34
N GLU C 93 2.19 -38.72 -6.20
CA GLU C 93 1.53 -39.72 -7.03
C GLU C 93 0.03 -39.77 -6.79
N LYS C 94 -0.40 -39.53 -5.56
CA LYS C 94 -1.83 -39.61 -5.24
C LYS C 94 -2.61 -38.56 -6.03
N SER C 95 -1.98 -37.42 -6.30
CA SER C 95 -2.58 -36.34 -7.06
C SER C 95 -2.78 -36.72 -8.52
N PHE C 96 -1.83 -37.50 -9.07
CA PHE C 96 -1.98 -38.07 -10.41
C PHE C 96 -3.13 -39.05 -10.48
N ASP C 97 -3.16 -39.99 -9.54
CA ASP C 97 -4.20 -41.02 -9.48
C ASP C 97 -5.57 -40.38 -9.56
N ASN C 98 -5.73 -39.28 -8.83
CA ASN C 98 -7.01 -38.59 -8.71
C ASN C 98 -7.47 -37.92 -10.01
N ILE C 99 -6.54 -37.30 -10.74
CA ILE C 99 -6.78 -36.79 -12.10
C ILE C 99 -7.10 -37.96 -13.04
N ARG C 100 -6.30 -39.03 -12.94
CA ARG C 100 -6.52 -40.23 -13.76
C ARG C 100 -7.96 -40.72 -13.64
N ASN C 101 -8.50 -40.66 -12.41
CA ASN C 101 -9.88 -41.06 -12.13
C ASN C 101 -10.92 -40.04 -12.57
N TRP C 102 -10.50 -38.79 -12.68
CA TRP C 102 -11.39 -37.68 -13.04
C TRP C 102 -11.83 -37.66 -14.51
N ILE C 103 -10.93 -38.00 -15.43
CA ILE C 103 -11.22 -37.89 -16.87
C ILE C 103 -12.39 -38.78 -17.30
N ARG C 104 -12.42 -39.99 -16.75
CA ARG C 104 -13.58 -40.89 -16.86
C ARG C 104 -14.91 -40.21 -16.51
N ASN C 105 -14.92 -39.48 -15.39
CA ASN C 105 -16.10 -38.81 -14.89
C ASN C 105 -16.55 -37.61 -15.75
N ILE C 106 -15.59 -37.01 -16.44
CA ILE C 106 -15.88 -35.89 -17.34
C ILE C 106 -16.61 -36.42 -18.58
N GLU C 107 -16.21 -37.60 -19.05
CA GLU C 107 -16.78 -38.23 -20.24
C GLU C 107 -18.31 -38.31 -20.21
N GLU C 108 -18.85 -38.90 -19.15
CA GLU C 108 -20.30 -39.06 -19.02
C GLU C 108 -21.00 -37.74 -18.68
N HIS C 109 -20.47 -37.02 -17.70
CA HIS C 109 -21.18 -35.90 -17.09
C HIS C 109 -20.96 -34.54 -17.77
N ALA C 110 -19.85 -34.39 -18.48
CA ALA C 110 -19.54 -33.16 -19.20
C ALA C 110 -19.67 -33.35 -20.70
N SER C 111 -19.94 -32.24 -21.40
CA SER C 111 -20.19 -32.23 -22.83
C SER C 111 -18.98 -32.66 -23.68
N ALA C 112 -19.26 -33.10 -24.90
CA ALA C 112 -18.22 -33.47 -25.85
C ALA C 112 -17.56 -32.24 -26.46
N ASP C 113 -18.24 -31.09 -26.35
CA ASP C 113 -17.69 -29.81 -26.80
C ASP C 113 -17.02 -29.04 -25.64
N VAL C 114 -16.27 -29.76 -24.81
CA VAL C 114 -15.50 -29.16 -23.74
C VAL C 114 -14.03 -29.47 -23.99
N GLU C 115 -13.20 -28.45 -24.08
CA GLU C 115 -11.75 -28.66 -24.15
C GLU C 115 -11.26 -29.15 -22.80
N LYS C 116 -10.31 -30.04 -22.82
CA LYS C 116 -9.68 -30.49 -21.58
C LYS C 116 -8.18 -30.35 -21.74
N MET C 117 -7.49 -30.22 -20.63
CA MET C 117 -6.06 -30.18 -20.63
C MET C 117 -5.55 -30.75 -19.32
N ILE C 118 -4.45 -31.48 -19.38
CA ILE C 118 -3.85 -32.02 -18.18
C ILE C 118 -2.58 -31.26 -17.82
N LEU C 119 -2.48 -30.87 -16.56
CA LEU C 119 -1.37 -30.10 -16.05
C LEU C 119 -0.68 -30.89 -14.94
N GLY C 120 0.62 -31.13 -15.11
CA GLY C 120 1.46 -31.71 -14.06
C GLY C 120 2.36 -30.63 -13.48
N ASN C 121 2.22 -30.40 -12.18
CA ASN C 121 2.82 -29.23 -11.57
C ASN C 121 4.04 -29.52 -10.69
N LYS C 122 5.08 -28.70 -10.87
CA LYS C 122 6.29 -28.68 -10.04
C LYS C 122 7.35 -29.68 -10.47
N VAL C 125 9.01 -28.42 -6.71
CA VAL C 125 10.12 -27.47 -6.69
C VAL C 125 11.45 -28.18 -6.46
N ASN C 126 11.46 -29.16 -5.55
CA ASN C 126 12.69 -29.86 -5.21
C ASN C 126 12.52 -31.29 -4.67
N ASP C 127 11.34 -31.60 -4.12
CA ASP C 127 11.19 -32.79 -3.27
C ASP C 127 10.52 -34.03 -3.89
N LYS C 128 11.33 -35.00 -4.29
CA LYS C 128 10.87 -36.35 -4.71
C LYS C 128 9.80 -36.39 -5.80
N ARG C 129 10.23 -36.41 -7.06
CA ARG C 129 9.32 -36.65 -8.17
C ARG C 129 8.78 -38.07 -8.08
N GLN C 130 7.47 -38.19 -7.95
CA GLN C 130 6.80 -39.50 -7.84
C GLN C 130 6.00 -39.87 -9.09
N VAL C 131 5.95 -38.97 -10.06
CA VAL C 131 5.27 -39.23 -11.34
C VAL C 131 6.13 -38.78 -12.51
N SER C 132 6.39 -39.69 -13.45
CA SER C 132 7.21 -39.37 -14.62
C SER C 132 6.41 -38.57 -15.63
N LYS C 133 7.10 -37.72 -16.39
CA LYS C 133 6.46 -36.91 -17.45
C LYS C 133 5.71 -37.79 -18.45
N GLU C 134 6.28 -38.96 -18.69
CA GLU C 134 5.75 -39.98 -19.57
C GLU C 134 4.32 -40.38 -19.18
N ARG C 135 4.12 -40.71 -17.91
CA ARG C 135 2.80 -41.12 -17.43
C ARG C 135 1.72 -40.10 -17.72
N GLY C 136 2.05 -38.81 -17.60
CA GLY C 136 1.12 -37.74 -17.93
C GLY C 136 0.88 -37.59 -19.42
N GLU C 137 1.95 -37.63 -20.19
CA GLU C 137 1.83 -37.54 -21.66
C GLU C 137 0.89 -38.58 -22.22
N LYS C 138 1.11 -39.83 -21.82
CA LYS C 138 0.36 -40.97 -22.33
C LYS C 138 -1.08 -41.01 -21.84
N LEU C 139 -1.32 -40.55 -20.62
CA LEU C 139 -2.69 -40.39 -20.16
C LEU C 139 -3.43 -39.34 -21.00
N ALA C 140 -2.76 -38.23 -21.30
CA ALA C 140 -3.33 -37.23 -22.21
C ALA C 140 -3.66 -37.89 -23.56
N LEU C 141 -2.70 -38.65 -24.07
CA LEU C 141 -2.83 -39.31 -25.37
C LEU C 141 -4.06 -40.23 -25.47
N ASP C 142 -4.35 -40.99 -24.41
CA ASP C 142 -5.52 -41.85 -24.38
C ASP C 142 -6.83 -41.11 -24.66
N TYR C 143 -6.89 -39.83 -24.31
CA TYR C 143 -8.14 -39.07 -24.43
C TYR C 143 -8.05 -38.00 -25.49
N GLY C 144 -6.90 -37.92 -26.14
CA GLY C 144 -6.70 -37.00 -27.25
C GLY C 144 -6.71 -35.56 -26.79
N ILE C 145 -6.11 -35.29 -25.63
CA ILE C 145 -6.06 -33.94 -25.07
C ILE C 145 -4.62 -33.48 -24.80
N LYS C 146 -4.42 -32.19 -24.64
CA LYS C 146 -3.08 -31.67 -24.37
C LYS C 146 -2.65 -31.93 -22.93
N PHE C 147 -1.34 -32.11 -22.78
CA PHE C 147 -0.67 -32.24 -21.50
C PHE C 147 0.43 -31.19 -21.44
N MET C 148 0.71 -30.69 -20.25
CA MET C 148 1.79 -29.75 -20.01
C MET C 148 2.37 -29.99 -18.62
N GLU C 149 3.67 -29.79 -18.48
CA GLU C 149 4.34 -29.84 -17.18
C GLU C 149 5.18 -28.57 -16.98
N THR C 150 5.02 -27.95 -15.81
CA THR C 150 5.63 -26.64 -15.50
C THR C 150 7.16 -26.63 -15.28
N SER C 151 7.68 -25.43 -15.02
CA SER C 151 9.09 -25.12 -14.67
C SER C 151 10.16 -25.73 -15.58
N ALA C 152 10.40 -25.06 -16.71
CA ALA C 152 11.44 -25.47 -17.66
C ALA C 152 11.89 -24.28 -18.52
N ILE C 156 5.73 -23.10 -18.81
CA ILE C 156 6.55 -23.43 -17.64
C ILE C 156 5.84 -23.06 -16.34
N ASN C 157 4.57 -22.64 -16.47
CA ASN C 157 3.79 -22.12 -15.34
C ASN C 157 2.28 -22.32 -15.59
N VAL C 158 1.48 -22.06 -14.56
CA VAL C 158 0.03 -22.17 -14.59
C VAL C 158 -0.62 -21.27 -15.64
N GLU C 159 -0.15 -20.02 -15.73
CA GLU C 159 -0.69 -19.02 -16.65
C GLU C 159 -0.53 -19.43 -18.11
N ASN C 160 0.67 -19.89 -18.47
CA ASN C 160 0.94 -20.40 -19.80
C ASN C 160 -0.02 -21.52 -20.20
N ALA C 161 -0.35 -22.40 -19.24
CA ALA C 161 -1.33 -23.45 -19.46
C ALA C 161 -2.69 -22.86 -19.83
N PHE C 162 -3.15 -21.87 -19.06
CA PHE C 162 -4.45 -21.23 -19.28
C PHE C 162 -4.58 -20.52 -20.62
N PHE C 163 -3.50 -19.90 -21.09
CA PHE C 163 -3.47 -19.28 -22.43
C PHE C 163 -3.66 -20.30 -23.55
N THR C 164 -3.08 -21.48 -23.38
CA THR C 164 -3.25 -22.59 -24.32
C THR C 164 -4.68 -23.12 -24.33
N LEU C 165 -5.23 -23.40 -23.15
CA LEU C 165 -6.62 -23.81 -23.06
C LEU C 165 -7.55 -22.77 -23.69
N ALA C 166 -7.26 -21.48 -23.47
CA ALA C 166 -8.13 -20.41 -23.97
C ALA C 166 -8.01 -20.30 -25.49
N ARG C 167 -6.77 -20.31 -25.98
CA ARG C 167 -6.49 -20.30 -27.42
C ARG C 167 -7.24 -21.43 -28.14
N ASP C 168 -7.26 -22.62 -27.55
CA ASP C 168 -7.91 -23.78 -28.18
C ASP C 168 -9.42 -23.69 -28.17
N ILE C 169 -9.96 -23.04 -27.14
CA ILE C 169 -11.39 -22.79 -27.08
C ILE C 169 -11.73 -21.68 -28.08
N LYS C 170 -10.85 -20.69 -28.17
CA LYS C 170 -10.99 -19.56 -29.08
C LYS C 170 -10.93 -20.03 -30.53
N ALA C 171 -9.96 -20.89 -30.84
CA ALA C 171 -9.81 -21.47 -32.20
C ALA C 171 -11.04 -22.25 -32.65
N LYS C 172 -11.59 -23.08 -31.77
CA LYS C 172 -12.84 -23.79 -31.99
C LYS C 172 -13.99 -22.83 -32.26
N MET C 173 -14.04 -21.71 -31.54
CA MET C 173 -15.12 -20.74 -31.68
C MET C 173 -15.06 -19.93 -32.98
N ASP C 174 -13.86 -19.54 -33.36
CA ASP C 174 -13.62 -18.79 -34.61
C ASP C 174 -13.90 -19.64 -35.85
N LYS C 175 -13.69 -20.95 -35.71
CA LYS C 175 -13.93 -21.93 -36.76
C LYS C 175 -15.41 -22.33 -36.89
N ASN C 176 -16.11 -22.45 -35.76
CA ASN C 176 -17.50 -22.95 -35.75
C ASN C 176 -18.51 -22.12 -36.53
N TRP C 177 -18.99 -21.06 -35.91
CA TRP C 177 -20.04 -20.23 -36.48
C TRP C 177 -19.53 -19.31 -37.59
N LYS C 178 -18.22 -19.32 -37.82
CA LYS C 178 -17.61 -18.49 -38.87
C LYS C 178 -16.83 -19.35 -39.86
N LYS D 3 -4.78 2.66 18.50
CA LYS D 3 -3.75 3.72 18.22
C LYS D 3 -2.39 3.30 18.75
N THR D 4 -1.36 3.84 18.09
CA THR D 4 0.04 3.51 18.39
C THR D 4 0.76 4.68 19.08
N TYR D 5 -0.01 5.64 19.58
CA TYR D 5 0.54 6.81 20.26
C TYR D 5 -0.54 7.52 21.08
N ASP D 6 -0.12 8.37 22.02
CA ASP D 6 -1.05 9.09 22.88
C ASP D 6 -1.40 10.50 22.40
N TYR D 7 -0.42 11.21 21.83
CA TYR D 7 -0.65 12.58 21.35
C TYR D 7 -0.01 12.76 19.97
N LEU D 8 -0.60 13.66 19.17
CA LEU D 8 0.02 14.14 17.95
C LEU D 8 0.20 15.66 18.03
N PHE D 9 1.44 16.15 18.04
CA PHE D 9 1.69 17.60 17.96
C PHE D 9 2.27 18.00 16.61
N LYS D 10 1.67 19.02 15.99
CA LYS D 10 2.23 19.64 14.78
C LYS D 10 3.15 20.79 15.17
N LEU D 11 4.40 20.71 14.72
CA LEU D 11 5.44 21.68 15.07
C LEU D 11 6.09 22.36 13.84
N LEU D 12 6.47 23.63 14.03
CA LEU D 12 7.22 24.38 13.03
C LEU D 12 8.60 24.77 13.55
N LEU D 13 9.62 24.51 12.76
CA LEU D 13 10.97 24.85 13.12
C LEU D 13 11.42 25.96 12.19
N ILE D 14 11.76 27.11 12.77
CA ILE D 14 12.06 28.30 11.98
C ILE D 14 13.39 28.89 12.41
N GLY D 15 14.17 29.32 11.43
CA GLY D 15 15.36 30.14 11.67
C GLY D 15 16.65 29.52 11.18
N ASP D 16 17.48 30.36 10.56
CA ASP D 16 18.77 29.90 10.04
C ASP D 16 19.67 29.29 11.11
N SER D 17 20.32 28.19 10.74
CA SER D 17 21.26 27.43 11.58
C SER D 17 20.64 26.94 12.90
N ALA D 32 27.53 15.00 8.23
CA ALA D 32 26.99 15.28 6.90
C ALA D 32 26.95 14.02 6.05
N PHE D 33 25.77 13.73 5.50
CA PHE D 33 25.53 12.62 4.58
C PHE D 33 25.16 13.17 3.19
N ASN D 34 24.55 12.36 2.31
CA ASN D 34 24.14 12.84 0.97
C ASN D 34 23.28 11.87 0.12
N SER D 35 22.07 12.33 -0.24
CA SER D 35 21.22 11.64 -1.22
C SER D 35 20.75 12.68 -2.27
N THR D 36 21.35 12.63 -3.45
CA THR D 36 21.10 13.65 -4.49
C THR D 36 19.62 13.77 -4.88
N PHE D 37 19.01 12.66 -5.31
CA PHE D 37 17.58 12.65 -5.62
C PHE D 37 16.77 13.42 -4.56
N ILE D 38 17.06 13.15 -3.30
CA ILE D 38 16.31 13.72 -2.19
C ILE D 38 16.60 15.22 -2.01
N SER D 39 17.86 15.58 -2.20
CA SER D 39 18.27 16.98 -2.34
C SER D 39 17.49 17.72 -3.43
N THR D 40 17.23 17.05 -4.56
CA THR D 40 16.52 17.69 -5.67
C THR D 40 15.02 17.93 -5.41
N ILE D 41 14.34 17.00 -4.78
CA ILE D 41 12.92 17.17 -4.47
C ILE D 41 12.70 18.05 -3.24
N GLY D 42 13.49 17.81 -2.19
CA GLY D 42 13.32 18.52 -0.90
C GLY D 42 12.41 17.79 0.07
N ILE D 43 12.60 18.03 1.36
CA ILE D 43 11.78 17.44 2.40
C ILE D 43 10.55 18.28 2.67
N ASP D 44 9.36 17.67 2.74
CA ASP D 44 8.12 18.38 3.17
C ASP D 44 8.07 18.46 4.72
N PHE D 45 7.89 17.32 5.37
CA PHE D 45 7.88 17.28 6.84
C PHE D 45 8.42 15.93 7.29
N LYS D 46 8.65 15.79 8.59
CA LYS D 46 9.10 14.56 9.17
C LYS D 46 8.15 14.17 10.30
N ILE D 47 8.06 12.88 10.55
CA ILE D 47 7.31 12.35 11.67
C ILE D 47 8.34 11.74 12.59
N ARG D 48 8.28 12.11 13.87
CA ARG D 48 9.18 11.57 14.85
C ARG D 48 8.39 11.13 16.08
N THR D 49 8.95 10.19 16.83
CA THR D 49 8.30 9.69 18.05
C THR D 49 9.27 9.86 19.24
N ILE D 50 8.73 10.37 20.33
CA ILE D 50 9.46 10.52 21.58
C ILE D 50 8.58 10.04 22.74
N GLU D 51 9.17 9.85 23.92
CA GLU D 51 8.37 9.51 25.08
C GLU D 51 8.50 10.56 26.17
N LEU D 52 7.36 10.90 26.75
CA LEU D 52 7.26 11.91 27.80
C LEU D 52 6.33 11.39 28.89
N ASP D 53 6.89 11.07 30.05
CA ASP D 53 6.13 10.49 31.17
C ASP D 53 5.43 9.17 30.75
N GLY D 54 6.10 8.35 29.95
CA GLY D 54 5.54 7.06 29.53
C GLY D 54 4.37 7.16 28.58
N LYS D 55 4.09 8.37 28.09
CA LYS D 55 3.17 8.56 26.98
C LYS D 55 3.97 8.67 25.68
N ARG D 56 3.38 8.18 24.60
CA ARG D 56 4.05 8.20 23.31
C ARG D 56 3.54 9.40 22.53
N ILE D 57 4.48 10.27 22.18
CA ILE D 57 4.18 11.53 21.52
C ILE D 57 4.65 11.47 20.06
N LYS D 58 3.69 11.60 19.14
CA LYS D 58 4.00 11.74 17.71
C LYS D 58 4.16 13.23 17.35
N LEU D 59 5.29 13.57 16.74
CA LEU D 59 5.56 14.92 16.29
C LEU D 59 5.56 14.97 14.76
N GLN D 60 4.78 15.88 14.17
CA GLN D 60 4.84 16.13 12.71
C GLN D 60 5.50 17.50 12.58
N ILE D 61 6.68 17.52 11.99
CA ILE D 61 7.55 18.67 12.04
C ILE D 61 7.86 19.19 10.64
N TRP D 62 7.50 20.46 10.42
CA TRP D 62 7.95 21.17 9.24
C TRP D 62 9.11 22.06 9.65
N ASP D 63 10.20 21.98 8.92
CA ASP D 63 11.42 22.68 9.26
C ASP D 63 11.81 23.57 8.09
N THR D 64 11.72 24.88 8.28
CA THR D 64 12.22 25.84 7.30
C THR D 64 13.35 26.66 7.90
N ALA D 65 14.31 25.96 8.49
CA ALA D 65 15.54 26.57 9.00
C ALA D 65 16.61 26.56 7.91
N GLY D 66 17.33 27.67 7.78
CA GLY D 66 18.32 27.84 6.71
C GLY D 66 17.65 28.21 5.40
N GLN D 67 16.32 28.31 5.46
CA GLN D 67 15.50 28.60 4.30
C GLN D 67 14.96 30.01 4.35
N GLU D 68 15.37 30.81 3.36
CA GLU D 68 14.74 32.11 3.13
C GLU D 68 13.47 31.89 2.31
N ARG D 69 12.40 32.55 2.73
CA ARG D 69 11.15 32.51 1.97
C ARG D 69 11.25 33.54 0.84
N PHE D 70 10.66 33.21 -0.30
CA PHE D 70 10.45 34.18 -1.35
C PHE D 70 8.98 34.56 -1.28
N ARG D 71 8.15 33.56 -0.94
CA ARG D 71 6.71 33.71 -0.91
C ARG D 71 6.31 34.50 0.34
N THR D 72 5.37 35.42 0.16
CA THR D 72 4.81 36.20 1.26
C THR D 72 4.07 35.27 2.25
N ILE D 73 4.34 35.46 3.54
CA ILE D 73 3.78 34.63 4.61
C ILE D 73 2.32 35.01 4.93
N THR D 74 1.43 34.02 4.88
CA THR D 74 0.01 34.18 5.24
C THR D 74 -0.37 33.33 6.46
N THR D 75 -1.61 33.45 6.92
CA THR D 75 -2.16 32.60 7.99
C THR D 75 -2.07 31.12 7.61
N ALA D 76 -2.16 30.83 6.31
CA ALA D 76 -2.07 29.47 5.79
C ALA D 76 -0.71 28.84 6.09
N TYR D 77 0.29 29.69 6.21
CA TYR D 77 1.62 29.26 6.61
C TYR D 77 1.67 28.69 8.05
N TYR D 78 0.88 29.26 8.97
CA TYR D 78 0.89 28.88 10.41
C TYR D 78 -0.35 28.15 10.95
N ARG D 79 -1.36 27.99 10.10
CA ARG D 79 -2.59 27.28 10.46
C ARG D 79 -2.31 25.83 10.92
N GLY D 80 -2.80 25.49 12.11
CA GLY D 80 -2.66 24.14 12.63
C GLY D 80 -1.40 23.88 13.45
N ALA D 81 -0.41 24.75 13.32
CA ALA D 81 0.82 24.61 14.09
C ALA D 81 0.48 24.71 15.58
N MET D 82 1.02 23.77 16.36
CA MET D 82 0.73 23.73 17.79
C MET D 82 1.88 24.26 18.59
N GLY D 83 3.08 24.15 18.01
CA GLY D 83 4.29 24.70 18.61
C GLY D 83 5.20 25.23 17.52
N ILE D 84 5.95 26.29 17.83
CA ILE D 84 6.94 26.85 16.92
C ILE D 84 8.25 26.98 17.68
N MET D 85 9.32 26.44 17.10
CA MET D 85 10.67 26.55 17.62
C MET D 85 11.41 27.56 16.75
N LEU D 86 11.95 28.60 17.39
CA LEU D 86 12.65 29.68 16.71
C LEU D 86 14.14 29.63 16.95
N VAL D 87 14.91 29.38 15.89
CA VAL D 87 16.35 29.17 16.05
C VAL D 87 17.21 30.28 15.43
N TYR D 88 18.27 30.64 16.15
CA TYR D 88 19.27 31.53 15.62
C TYR D 88 20.65 31.04 16.06
N ASP D 89 21.66 31.42 15.28
CA ASP D 89 23.04 31.04 15.54
C ASP D 89 23.70 32.12 16.40
N ILE D 90 24.13 31.76 17.60
CA ILE D 90 24.70 32.75 18.55
C ILE D 90 25.93 33.45 18.00
N THR D 91 26.46 32.94 16.88
CA THR D 91 27.63 33.53 16.25
C THR D 91 27.21 34.50 15.14
N ASN D 92 25.91 34.63 14.92
CA ASN D 92 25.42 35.39 13.77
C ASN D 92 24.38 36.45 14.12
N GLU D 93 24.70 37.70 13.80
CA GLU D 93 23.86 38.86 14.12
C GLU D 93 22.62 38.96 13.22
N LYS D 94 22.79 38.64 11.94
CA LYS D 94 21.68 38.59 10.98
C LYS D 94 20.64 37.56 11.46
N SER D 95 21.11 36.33 11.72
CA SER D 95 20.25 35.22 12.18
C SER D 95 19.46 35.51 13.46
N PHE D 96 20.00 36.35 14.34
CA PHE D 96 19.29 36.76 15.58
C PHE D 96 18.20 37.79 15.28
N ASP D 97 18.52 38.80 14.49
CA ASP D 97 17.53 39.80 14.07
C ASP D 97 16.46 39.16 13.18
N ASN D 98 16.83 38.07 12.51
CA ASN D 98 15.90 37.29 11.69
C ASN D 98 14.80 36.63 12.54
N ILE D 99 15.17 36.19 13.74
CA ILE D 99 14.20 35.64 14.70
C ILE D 99 13.28 36.72 15.27
N ARG D 100 13.79 37.93 15.45
CA ARG D 100 12.95 39.02 15.88
C ARG D 100 11.88 39.35 14.83
N ASN D 101 12.26 39.29 13.54
CA ASN D 101 11.31 39.49 12.44
C ASN D 101 10.24 38.41 12.42
N TRP D 102 10.68 37.17 12.65
CA TRP D 102 9.76 36.03 12.70
C TRP D 102 8.75 36.15 13.84
N ILE D 103 9.24 36.46 15.03
CA ILE D 103 8.38 36.63 16.22
C ILE D 103 7.29 37.66 15.92
N ARG D 104 7.69 38.77 15.31
CA ARG D 104 6.75 39.78 14.84
C ARG D 104 5.66 39.19 13.93
N ASN D 105 6.10 38.45 12.90
CA ASN D 105 5.20 37.91 11.90
C ASN D 105 4.26 36.84 12.46
N ILE D 106 4.79 36.01 13.36
CA ILE D 106 3.99 34.99 14.07
C ILE D 106 2.87 35.62 14.90
N GLU D 107 3.21 36.65 15.69
CA GLU D 107 2.22 37.34 16.53
C GLU D 107 1.02 37.86 15.73
N GLU D 108 1.25 38.14 14.45
CA GLU D 108 0.20 38.64 13.57
C GLU D 108 -0.59 37.55 12.84
N HIS D 109 0.08 36.51 12.36
CA HIS D 109 -0.56 35.54 11.47
C HIS D 109 -0.87 34.19 12.09
N ALA D 110 -0.16 33.85 13.16
CA ALA D 110 -0.36 32.56 13.84
C ALA D 110 -1.32 32.72 15.01
N SER D 111 -2.04 31.64 15.33
CA SER D 111 -2.95 31.62 16.47
C SER D 111 -2.26 32.15 17.71
N ALA D 112 -3.01 32.87 18.55
CA ALA D 112 -2.48 33.34 19.83
C ALA D 112 -2.45 32.20 20.85
N ASP D 113 -2.89 31.01 20.43
CA ASP D 113 -2.80 29.83 21.28
C ASP D 113 -1.61 28.89 21.04
N VAL D 114 -0.74 29.26 20.09
CA VAL D 114 0.42 28.44 19.71
C VAL D 114 1.53 28.56 20.76
N GLU D 115 2.15 27.44 21.13
CA GLU D 115 3.30 27.47 22.04
C GLU D 115 4.52 27.88 21.24
N LYS D 116 5.39 28.69 21.85
CA LYS D 116 6.56 29.18 21.12
C LYS D 116 7.80 29.02 21.98
N MET D 117 8.94 28.87 21.35
CA MET D 117 10.20 28.79 22.09
C MET D 117 11.33 29.31 21.22
N ILE D 118 12.25 30.06 21.83
CA ILE D 118 13.41 30.61 21.15
C ILE D 118 14.66 29.80 21.50
N LEU D 119 15.46 29.52 20.50
CA LEU D 119 16.67 28.75 20.69
C LEU D 119 17.93 29.44 20.18
N GLY D 120 18.84 29.70 21.11
CA GLY D 120 20.17 30.24 20.80
C GLY D 120 21.16 29.12 20.55
N ASN D 121 21.50 28.92 19.29
CA ASN D 121 22.23 27.73 18.89
C ASN D 121 23.69 27.94 18.52
N LYS D 122 24.49 26.90 18.80
CA LYS D 122 25.91 26.82 18.41
C LYS D 122 26.79 27.54 19.41
N ASP D 124 30.86 24.01 18.44
CA ASP D 124 31.89 23.26 17.71
C ASP D 124 32.71 24.18 16.80
N VAL D 125 33.63 23.59 16.04
CA VAL D 125 34.49 24.29 15.08
C VAL D 125 35.17 25.51 15.70
N ASP D 127 34.01 29.31 16.65
CA ASP D 127 33.54 30.63 16.25
C ASP D 127 33.27 31.58 17.41
N LYS D 128 33.51 32.87 17.17
CA LYS D 128 33.22 33.93 18.12
C LYS D 128 31.70 34.09 18.34
N ARG D 129 31.29 34.16 19.61
CA ARG D 129 29.91 34.53 19.96
C ARG D 129 29.67 35.99 19.65
N GLN D 130 28.65 36.25 18.84
CA GLN D 130 28.29 37.61 18.44
C GLN D 130 27.02 38.10 19.11
N VAL D 131 26.15 37.18 19.48
CA VAL D 131 24.89 37.50 20.16
C VAL D 131 24.97 37.02 21.61
N SER D 132 24.85 37.95 22.55
CA SER D 132 24.96 37.63 23.97
C SER D 132 23.72 36.86 24.48
N LYS D 133 23.86 36.19 25.62
CA LYS D 133 22.76 35.44 26.22
C LYS D 133 21.70 36.39 26.80
N GLU D 134 22.15 37.50 27.39
CA GLU D 134 21.24 38.49 27.93
C GLU D 134 20.31 39.03 26.86
N ARG D 135 20.87 39.33 25.67
CA ARG D 135 20.05 39.79 24.54
C ARG D 135 18.95 38.80 24.18
N GLY D 136 19.31 37.51 24.18
CA GLY D 136 18.36 36.44 23.89
C GLY D 136 17.30 36.35 24.97
N GLU D 137 17.75 36.41 26.23
CA GLU D 137 16.82 36.40 27.36
C GLU D 137 15.88 37.61 27.34
N LYS D 138 16.41 38.77 26.95
CA LYS D 138 15.59 39.98 26.92
C LYS D 138 14.53 39.95 25.81
N LEU D 139 14.89 39.37 24.68
CA LEU D 139 13.95 39.14 23.59
C LEU D 139 12.76 38.25 24.01
N ALA D 140 13.05 37.15 24.70
CA ALA D 140 12.00 36.25 25.15
C ALA D 140 11.04 36.93 26.14
N LEU D 141 11.63 37.77 26.99
CA LEU D 141 10.90 38.51 28.03
C LEU D 141 9.98 39.51 27.38
N ASP D 142 10.47 40.18 26.35
CA ASP D 142 9.72 41.23 25.68
C ASP D 142 8.51 40.69 24.94
N TYR D 143 8.55 39.40 24.60
CA TYR D 143 7.46 38.76 23.86
C TYR D 143 6.76 37.66 24.67
N GLY D 144 7.22 37.45 25.91
CA GLY D 144 6.59 36.52 26.84
C GLY D 144 6.64 35.05 26.41
N ILE D 145 7.81 34.60 25.96
CA ILE D 145 7.99 33.19 25.58
C ILE D 145 9.33 32.66 26.09
N LYS D 146 9.49 31.34 26.10
CA LYS D 146 10.70 30.72 26.67
C LYS D 146 11.94 30.83 25.78
N PHE D 147 13.11 30.84 26.41
CA PHE D 147 14.39 30.92 25.70
C PHE D 147 15.37 29.86 26.20
N MET D 148 16.02 29.18 25.26
CA MET D 148 17.15 28.30 25.59
C MET D 148 18.35 28.64 24.76
N GLU D 149 19.52 28.57 25.37
CA GLU D 149 20.77 28.61 24.63
C GLU D 149 21.38 27.22 24.66
N THR D 150 21.43 26.59 23.50
CA THR D 150 21.99 25.24 23.37
C THR D 150 23.44 25.28 22.92
N ALA D 154 28.14 21.05 26.77
CA ALA D 154 26.98 21.52 27.53
C ALA D 154 26.01 20.40 27.90
N ASN D 155 25.95 19.36 27.06
CA ASN D 155 24.98 18.27 27.19
C ASN D 155 23.52 18.67 26.91
N ILE D 156 23.30 19.97 26.64
CA ILE D 156 21.98 20.50 26.36
C ILE D 156 21.89 21.09 24.94
N ASN D 157 21.10 20.41 24.10
CA ASN D 157 20.99 20.76 22.68
C ASN D 157 19.55 20.86 22.15
N VAL D 158 19.42 20.91 20.82
CA VAL D 158 18.14 21.07 20.12
C VAL D 158 17.09 20.00 20.46
N GLU D 159 17.55 18.76 20.68
CA GLU D 159 16.66 17.67 21.08
C GLU D 159 15.98 17.96 22.43
N ASN D 160 16.78 18.35 23.43
CA ASN D 160 16.27 18.79 24.74
C ASN D 160 15.25 19.92 24.62
N ALA D 161 15.46 20.81 23.64
CA ALA D 161 14.55 21.92 23.37
C ALA D 161 13.20 21.43 22.87
N PHE D 162 13.22 20.45 21.96
CA PHE D 162 11.97 19.89 21.45
C PHE D 162 11.20 19.15 22.53
N PHE D 163 11.92 18.43 23.38
CA PHE D 163 11.33 17.76 24.54
C PHE D 163 10.62 18.79 25.44
N THR D 164 11.29 19.91 25.71
CA THR D 164 10.70 21.00 26.50
C THR D 164 9.46 21.60 25.82
N LEU D 165 9.57 21.97 24.54
CA LEU D 165 8.40 22.45 23.79
C LEU D 165 7.24 21.44 23.82
N ALA D 166 7.56 20.17 23.64
CA ALA D 166 6.55 19.11 23.65
C ALA D 166 5.92 18.97 25.05
N ARG D 167 6.78 18.98 26.07
CA ARG D 167 6.33 19.01 27.48
C ARG D 167 5.27 20.10 27.70
N ASP D 168 5.59 21.33 27.27
CA ASP D 168 4.70 22.48 27.41
C ASP D 168 3.37 22.31 26.70
N ILE D 169 3.40 21.74 25.49
CA ILE D 169 2.16 21.49 24.75
C ILE D 169 1.35 20.38 25.43
N LYS D 170 2.04 19.39 25.98
CA LYS D 170 1.38 18.27 26.64
C LYS D 170 0.59 18.76 27.85
N ALA D 171 1.23 19.58 28.70
CA ALA D 171 0.61 20.13 29.91
C ALA D 171 -0.67 20.92 29.63
N LYS D 172 -0.57 21.90 28.73
CA LYS D 172 -1.71 22.68 28.27
C LYS D 172 -2.84 21.80 27.77
N MET D 173 -2.49 20.77 27.00
CA MET D 173 -3.44 19.89 26.31
C MET D 173 -4.23 19.03 27.30
N ASP D 174 -3.54 18.54 28.32
CA ASP D 174 -4.12 17.69 29.35
C ASP D 174 -5.28 18.36 30.12
N LYS D 175 -5.08 19.64 30.46
CA LYS D 175 -6.11 20.41 31.17
C LYS D 175 -7.37 20.57 30.33
N ASN D 176 -7.18 21.00 29.08
CA ASN D 176 -8.27 21.20 28.11
C ASN D 176 -9.21 20.00 27.95
N TRP D 177 -8.65 18.79 28.02
CA TRP D 177 -9.42 17.57 27.82
C TRP D 177 -10.41 17.29 28.96
N LYS D 178 -10.05 17.68 30.18
CA LYS D 178 -10.92 17.50 31.34
C LYS D 178 -10.92 18.73 32.25
ZN ZN E . 19.21 7.09 8.06
C1 BME F . 0.03 6.73 -8.76
C2 BME F . 0.78 7.84 -8.07
O1 BME F . -0.90 7.34 -9.64
S2 BME F . -0.29 8.82 -6.98
ZN ZN G . -3.96 -8.86 -4.23
C1 BME H . -29.04 -6.85 1.28
C2 BME H . -28.11 -8.04 1.10
O1 BME H . -30.34 -7.41 1.49
S2 BME H . -28.40 -8.90 -0.48
#